data_3A3J
#
_entry.id   3A3J
#
_cell.length_a   41.115
_cell.length_b   52.694
_cell.length_c   201.489
_cell.angle_alpha   90.00
_cell.angle_beta   90.00
_cell.angle_gamma   90.00
#
_symmetry.space_group_name_H-M   'P 21 21 21'
#
loop_
_entity.id
_entity.type
_entity.pdbx_description
1 polymer PBP5
2 non-polymer 'SULFATE ION'
3 water water
#
_entity_poly.entity_id   1
_entity_poly.type   'polypeptide(L)'
_entity_poly.pdbx_seq_one_letter_code
;GVTPPQITAQTYVLMDYNSGAILTALNPDQRQYPASLTKMMTSYVVGVALKQGKIHNTDMVTIGESAWGRNFPDSSKMFL
DLNTQVSVADLNRGVIVVSGNDATVALAEHISGNVPNFVETMNKYVQQFGLKNTNFTTPHGLDDPNQYSSARDMAIIGAH
IIRDLPEEYKIYSEKDFTFNKIKQPNRNGLLWDKTINVDGMKTGHTSQAGYNLVASATTSNNMRLISVVMGVPTYKGREV
ESKKLLQWGFANFETFKTLEAGKEISEQRVYYGDKNSVKLGAFMDHFITIPKGKQSEVKARYELADKNLQAPLAKGQVIG
KVVYALDGKDIASANLQVMNDVGE
;
_entity_poly.pdbx_strand_id   A
#
# COMPACT_ATOMS: atom_id res chain seq x y z
N GLY A 1 12.88 -10.85 -17.93
CA GLY A 1 13.28 -9.64 -17.17
C GLY A 1 14.44 -8.95 -17.89
N VAL A 2 14.23 -7.68 -18.27
CA VAL A 2 15.26 -6.90 -18.94
C VAL A 2 16.13 -6.25 -17.88
N THR A 3 16.96 -5.29 -18.29
CA THR A 3 17.89 -4.65 -17.34
C THR A 3 17.16 -3.75 -16.35
N PRO A 4 17.28 -4.06 -15.06
CA PRO A 4 16.85 -3.18 -13.98
C PRO A 4 17.71 -1.89 -13.93
N PRO A 5 17.13 -0.73 -13.53
CA PRO A 5 18.00 0.41 -13.50
C PRO A 5 18.97 0.32 -12.35
N GLN A 6 19.98 1.16 -12.40
CA GLN A 6 20.92 1.24 -11.33
C GLN A 6 20.45 2.35 -10.37
N ILE A 7 20.25 1.99 -9.10
CA ILE A 7 19.49 2.81 -8.14
C ILE A 7 20.40 3.09 -6.99
N THR A 8 20.51 4.35 -6.61
CA THR A 8 21.33 4.73 -5.47
C THR A 8 20.47 4.66 -4.21
N ALA A 9 20.48 3.53 -3.51
CA ALA A 9 19.65 3.42 -2.30
C ALA A 9 20.02 2.15 -1.61
N GLN A 10 19.92 2.12 -0.29
CA GLN A 10 20.33 0.94 0.43
C GLN A 10 19.37 -0.18 0.14
N THR A 11 18.09 0.16 -0.06
CA THR A 11 17.04 -0.82 -0.15
C THR A 11 16.00 -0.17 -1.01
N TYR A 12 15.21 -0.96 -1.76
CA TYR A 12 14.12 -0.44 -2.52
C TYR A 12 13.24 -1.52 -3.11
N VAL A 13 12.05 -1.15 -3.52
CA VAL A 13 11.22 -2.14 -4.12
C VAL A 13 10.37 -1.36 -5.09
N LEU A 14 9.97 -1.99 -6.21
CA LEU A 14 8.98 -1.41 -7.09
C LEU A 14 7.92 -2.50 -7.27
N MET A 15 6.63 -2.16 -7.31
CA MET A 15 5.63 -3.22 -7.30
C MET A 15 4.40 -2.68 -8.01
N ASP A 16 3.76 -3.49 -8.84
CA ASP A 16 2.50 -3.12 -9.45
C ASP A 16 1.41 -3.21 -8.38
N TYR A 17 0.63 -2.14 -8.26
CA TYR A 17 -0.39 -2.06 -7.22
C TYR A 17 -1.45 -3.16 -7.47
N ASN A 18 -1.71 -3.46 -8.74
CA ASN A 18 -2.93 -4.17 -9.03
C ASN A 18 -2.73 -5.65 -8.96
N SER A 19 -1.51 -6.10 -9.17
CA SER A 19 -1.24 -7.52 -9.28
C SER A 19 -0.32 -7.96 -8.16
N GLY A 20 0.37 -6.98 -7.55
CA GLY A 20 1.20 -7.22 -6.37
C GLY A 20 2.55 -7.71 -6.78
N ALA A 21 2.83 -7.75 -8.07
CA ALA A 21 4.14 -8.32 -8.48
C ALA A 21 5.30 -7.34 -8.22
N ILE A 22 6.42 -7.84 -7.75
CA ILE A 22 7.61 -7.02 -7.58
C ILE A 22 8.41 -6.95 -8.89
N LEU A 23 8.41 -5.80 -9.54
CA LEU A 23 9.10 -5.65 -10.81
C LEU A 23 10.61 -5.61 -10.68
N THR A 24 11.12 -5.00 -9.61
CA THR A 24 12.58 -5.00 -9.33
C THR A 24 12.77 -4.76 -7.80
N ALA A 25 13.91 -5.10 -7.20
CA ALA A 25 14.10 -4.93 -5.75
C ALA A 25 15.58 -5.05 -5.37
N LEU A 26 15.97 -4.42 -4.26
CA LEU A 26 17.26 -4.62 -3.63
C LEU A 26 17.00 -4.68 -2.10
N ASN A 27 17.36 -5.79 -1.45
CA ASN A 27 17.11 -6.06 -0.02
C ASN A 27 15.72 -5.65 0.41
N PRO A 28 14.70 -6.18 -0.24
CA PRO A 28 13.36 -5.71 -0.01
C PRO A 28 12.89 -6.02 1.42
N ASP A 29 13.50 -7.02 2.07
CA ASP A 29 13.07 -7.55 3.38
C ASP A 29 14.10 -7.15 4.43
N GLN A 30 15.15 -6.46 4.03
CA GLN A 30 16.08 -5.94 5.06
C GLN A 30 15.43 -4.88 5.97
N ARG A 31 15.64 -5.00 7.28
CA ARG A 31 15.02 -4.08 8.24
C ARG A 31 15.67 -2.66 8.25
N GLN A 32 14.81 -1.65 8.27
CA GLN A 32 15.21 -0.29 8.16
C GLN A 32 14.41 0.53 9.16
N TYR A 33 15.02 1.59 9.67
CA TYR A 33 14.30 2.58 10.51
C TYR A 33 13.29 3.29 9.65
N PRO A 34 11.99 3.21 9.99
CA PRO A 34 11.01 3.78 9.03
C PRO A 34 10.90 5.30 9.08
N ALA A 35 11.23 5.91 10.23
CA ALA A 35 11.30 7.38 10.33
C ALA A 35 9.88 7.80 9.98
N SER A 36 9.65 8.94 9.32
CA SER A 36 8.26 9.32 9.04
C SER A 36 7.39 8.37 8.17
N LEU A 37 7.93 7.28 7.61
CA LEU A 37 6.98 6.39 6.81
C LEU A 37 6.06 5.71 7.86
N THR A 38 6.53 5.72 9.13
CA THR A 38 5.66 5.24 10.25
C THR A 38 4.29 5.88 10.20
N LYS A 39 4.26 7.18 9.83
CA LYS A 39 2.94 7.90 9.74
C LYS A 39 1.92 7.34 8.77
N MET A 40 2.39 6.59 7.78
CA MET A 40 1.46 5.87 6.89
C MET A 40 0.58 4.86 7.69
N MET A 41 1.19 4.06 8.54
CA MET A 41 0.40 3.16 9.45
C MET A 41 -0.51 3.95 10.38
N THR A 42 0.04 4.98 11.00
CA THR A 42 -0.82 5.89 11.83
C THR A 42 -2.04 6.39 11.10
N SER A 43 -1.84 6.89 9.87
CA SER A 43 -3.01 7.35 9.06
C SER A 43 -3.92 6.19 8.63
N TYR A 44 -3.33 5.01 8.42
CA TYR A 44 -4.16 3.81 8.16
C TYR A 44 -5.16 3.59 9.36
N VAL A 45 -4.63 3.50 10.58
CA VAL A 45 -5.52 3.42 11.83
C VAL A 45 -6.58 4.52 11.84
N VAL A 46 -6.15 5.78 11.66
CA VAL A 46 -7.09 6.92 11.66
C VAL A 46 -8.10 6.74 10.54
N GLY A 47 -7.63 6.35 9.36
CA GLY A 47 -8.58 6.26 8.25
C GLY A 47 -9.60 5.13 8.41
N VAL A 48 -9.15 3.99 8.90
CA VAL A 48 -10.14 2.93 9.24
C VAL A 48 -11.12 3.35 10.34
N ALA A 49 -10.63 4.03 11.38
CA ALA A 49 -11.51 4.49 12.43
C ALA A 49 -12.58 5.46 11.89
N LEU A 50 -12.19 6.37 10.98
CA LEU A 50 -13.16 7.24 10.29
C LEU A 50 -14.11 6.45 9.40
N LYS A 51 -13.59 5.44 8.72
CA LYS A 51 -14.40 4.63 7.84
C LYS A 51 -15.44 3.84 8.64
N GLN A 52 -15.04 3.28 9.78
CA GLN A 52 -16.00 2.56 10.62
C GLN A 52 -16.91 3.40 11.47
N GLY A 53 -16.83 4.73 11.40
CA GLY A 53 -17.69 5.60 12.22
C GLY A 53 -17.30 5.73 13.71
N LYS A 54 -16.14 5.22 14.09
CA LYS A 54 -15.71 5.27 15.47
C LYS A 54 -15.13 6.64 15.84
N ILE A 55 -14.82 7.46 14.84
CA ILE A 55 -14.47 8.82 15.13
C ILE A 55 -15.01 9.51 13.90
N HIS A 56 -15.10 10.84 13.98
CA HIS A 56 -15.61 11.66 12.90
C HIS A 56 -14.64 12.75 12.60
N ASN A 57 -14.55 13.19 11.35
CA ASN A 57 -13.65 14.29 11.04
C ASN A 57 -13.97 15.55 11.85
N THR A 58 -15.23 15.72 12.20
CA THR A 58 -15.62 16.88 12.98
C THR A 58 -15.31 16.72 14.48
N ASP A 59 -14.79 15.59 14.94
CA ASP A 59 -14.41 15.59 16.33
C ASP A 59 -13.43 16.73 16.64
N MET A 60 -13.70 17.48 17.71
CA MET A 60 -12.80 18.55 18.18
C MET A 60 -11.99 17.90 19.26
N VAL A 61 -10.67 17.92 19.11
CA VAL A 61 -9.79 17.27 20.04
C VAL A 61 -9.05 18.34 20.84
N THR A 62 -8.95 18.17 22.17
CA THR A 62 -8.29 19.18 23.05
C THR A 62 -6.83 18.99 23.09
N ILE A 63 -6.04 20.00 22.80
CA ILE A 63 -4.61 19.84 22.86
C ILE A 63 -4.13 20.08 24.33
N GLY A 64 -3.41 19.15 24.94
CA GLY A 64 -2.94 19.36 26.30
C GLY A 64 -1.47 19.15 26.21
N GLU A 65 -0.76 19.11 27.33
CA GLU A 65 0.74 19.06 27.23
C GLU A 65 1.40 17.92 26.37
N SER A 66 0.75 16.80 26.11
CA SER A 66 1.52 15.73 25.38
C SER A 66 1.37 15.92 23.85
N ALA A 67 0.28 16.53 23.40
CA ALA A 67 0.13 16.87 21.99
C ALA A 67 0.70 18.27 21.59
N TRP A 68 1.17 19.02 22.58
CA TRP A 68 1.62 20.39 22.40
C TRP A 68 2.82 20.51 21.49
N GLY A 69 2.78 21.35 20.46
CA GLY A 69 3.95 21.50 19.58
C GLY A 69 5.28 21.62 20.33
N ARG A 70 5.26 22.27 21.51
CA ARG A 70 6.50 22.42 22.24
C ARG A 70 7.24 21.13 22.52
N ASN A 71 6.56 19.99 22.63
CA ASN A 71 7.36 18.77 22.84
C ASN A 71 8.02 18.21 21.62
N PHE A 72 7.98 18.87 20.48
CA PHE A 72 8.59 18.32 19.28
C PHE A 72 9.47 19.41 18.71
N PRO A 73 10.48 19.80 19.49
CA PRO A 73 11.26 20.99 19.20
C PRO A 73 12.07 20.97 17.86
N ASP A 74 12.74 19.86 17.55
CA ASP A 74 13.63 19.76 16.38
C ASP A 74 12.99 18.78 15.35
N SER A 75 11.66 18.73 15.16
CA SER A 75 11.15 17.70 14.27
C SER A 75 9.84 18.22 13.73
N SER A 76 9.26 17.51 12.79
CA SER A 76 8.17 18.08 12.05
C SER A 76 6.88 18.15 12.83
N LYS A 77 6.10 19.17 12.52
CA LYS A 77 5.02 19.46 13.39
C LYS A 77 4.03 20.33 12.70
N MET A 78 2.82 20.27 13.18
CA MET A 78 1.79 21.12 12.67
C MET A 78 1.57 22.41 13.52
N PHE A 79 2.36 22.57 14.58
CA PHE A 79 2.24 23.70 15.54
C PHE A 79 0.96 23.79 16.36
N LEU A 80 0.60 22.68 17.04
CA LEU A 80 -0.60 22.61 17.92
C LEU A 80 -0.30 23.38 19.20
N ASP A 81 -1.14 24.35 19.53
CA ASP A 81 -0.94 25.15 20.78
C ASP A 81 -1.73 24.58 21.96
N LEU A 82 -1.13 24.68 23.13
CA LEU A 82 -1.70 24.16 24.36
C LEU A 82 -3.07 24.75 24.57
N ASN A 83 -4.00 23.93 24.97
CA ASN A 83 -5.33 24.41 25.34
C ASN A 83 -6.17 24.91 24.18
N THR A 84 -5.91 24.44 22.97
CA THR A 84 -6.83 24.71 21.90
C THR A 84 -7.58 23.43 21.56
N GLN A 85 -8.60 23.60 20.75
CA GLN A 85 -9.39 22.51 20.25
C GLN A 85 -9.20 22.42 18.75
N VAL A 86 -8.95 21.20 18.22
CA VAL A 86 -8.56 21.00 16.79
C VAL A 86 -9.28 19.80 16.18
N SER A 87 -9.87 19.98 14.99
CA SER A 87 -10.63 18.88 14.39
C SER A 87 -9.76 17.70 13.93
N VAL A 88 -10.38 16.54 13.94
CA VAL A 88 -9.72 15.33 13.48
C VAL A 88 -9.30 15.54 12.00
N ALA A 89 -10.14 16.17 11.20
CA ALA A 89 -9.75 16.52 9.77
C ALA A 89 -8.42 17.28 9.74
N ASP A 90 -8.27 18.34 10.54
CA ASP A 90 -7.00 19.07 10.53
C ASP A 90 -5.90 18.22 10.99
N LEU A 91 -6.15 17.45 12.04
CA LEU A 91 -5.05 16.67 12.59
C LEU A 91 -4.50 15.66 11.58
N ASN A 92 -5.40 14.93 10.98
CA ASN A 92 -5.09 13.90 9.99
C ASN A 92 -4.42 14.52 8.74
N ARG A 93 -5.00 15.60 8.23
CA ARG A 93 -4.35 16.36 7.16
C ARG A 93 -2.95 16.72 7.62
N GLY A 94 -2.76 17.15 8.87
CA GLY A 94 -1.43 17.53 9.29
C GLY A 94 -0.43 16.38 9.36
N VAL A 95 -0.89 15.22 9.85
CA VAL A 95 -0.07 14.00 9.81
C VAL A 95 0.27 13.63 8.34
N ILE A 96 -0.75 13.57 7.50
CA ILE A 96 -0.58 13.14 6.12
C ILE A 96 0.26 14.12 5.25
N VAL A 97 -0.11 15.41 5.19
CA VAL A 97 0.64 16.42 4.35
C VAL A 97 1.98 16.85 4.93
N VAL A 98 2.06 17.12 6.24
CA VAL A 98 3.32 17.66 6.76
C VAL A 98 3.95 16.85 7.85
N SER A 99 3.51 15.60 8.03
CA SER A 99 4.14 14.71 9.00
C SER A 99 4.15 15.31 10.41
N GLY A 100 3.03 15.92 10.81
CA GLY A 100 3.05 16.65 12.12
C GLY A 100 3.20 15.69 13.31
N ASN A 101 4.30 15.76 14.04
CA ASN A 101 4.52 14.83 15.19
C ASN A 101 3.53 15.03 16.36
N ASP A 102 3.22 16.30 16.58
CA ASP A 102 2.28 16.72 17.59
C ASP A 102 0.92 16.24 17.15
N ALA A 103 0.60 16.35 15.86
CA ALA A 103 -0.70 15.83 15.37
C ALA A 103 -0.86 14.34 15.56
N THR A 104 0.22 13.55 15.47
CA THR A 104 0.02 12.13 15.60
C THR A 104 -0.29 11.71 17.08
N VAL A 105 0.38 12.36 18.03
CA VAL A 105 0.10 12.14 19.43
C VAL A 105 -1.33 12.56 19.72
N ALA A 106 -1.73 13.76 19.25
CA ALA A 106 -3.10 14.16 19.44
C ALA A 106 -4.08 13.10 18.93
N LEU A 107 -3.85 12.59 17.71
CA LEU A 107 -4.77 11.54 17.17
C LEU A 107 -4.69 10.19 17.93
N ALA A 108 -3.49 9.72 18.21
CA ALA A 108 -3.36 8.52 18.92
C ALA A 108 -4.21 8.55 20.24
N GLU A 109 -4.06 9.63 21.00
CA GLU A 109 -4.80 9.79 22.26
C GLU A 109 -6.28 9.93 22.01
N HIS A 110 -6.68 10.64 20.97
CA HIS A 110 -8.13 10.73 20.76
C HIS A 110 -8.77 9.36 20.42
N ILE A 111 -8.03 8.50 19.71
CA ILE A 111 -8.58 7.25 19.16
C ILE A 111 -8.40 6.19 20.24
N SER A 112 -7.25 6.14 20.85
CA SER A 112 -6.98 5.04 21.78
C SER A 112 -6.89 5.39 23.28
N GLY A 113 -7.08 6.65 23.63
CA GLY A 113 -7.01 7.10 25.01
C GLY A 113 -5.59 7.38 25.45
N ASN A 114 -4.66 6.54 25.04
CA ASN A 114 -3.28 6.92 25.17
C ASN A 114 -2.39 6.39 23.99
N VAL A 115 -1.08 6.66 24.00
CA VAL A 115 -0.23 6.34 22.86
C VAL A 115 0.21 4.86 22.83
N PRO A 116 0.66 4.32 23.97
CA PRO A 116 0.99 2.87 23.91
C PRO A 116 -0.20 2.01 23.40
N ASN A 117 -1.44 2.35 23.71
CA ASN A 117 -2.51 1.49 23.29
C ASN A 117 -2.72 1.67 21.76
N PHE A 118 -2.61 2.92 21.28
CA PHE A 118 -2.79 3.19 19.87
C PHE A 118 -1.78 2.44 19.04
N VAL A 119 -0.55 2.40 19.52
CA VAL A 119 0.53 1.81 18.84
C VAL A 119 0.21 0.31 18.61
N GLU A 120 -0.62 -0.25 19.52
CA GLU A 120 -0.87 -1.67 19.53
C GLU A 120 -1.84 -1.98 18.38
N THR A 121 -2.76 -1.06 18.11
CA THR A 121 -3.58 -1.12 16.92
C THR A 121 -2.76 -1.07 15.61
N MET A 122 -1.67 -0.32 15.63
CA MET A 122 -0.79 -0.20 14.51
C MET A 122 -0.25 -1.57 14.30
N ASN A 123 0.11 -2.23 15.41
CA ASN A 123 0.76 -3.54 15.31
C ASN A 123 -0.28 -4.61 15.01
N LYS A 124 -1.53 -4.37 15.41
CA LYS A 124 -2.61 -5.25 14.99
C LYS A 124 -2.51 -5.32 13.46
N TYR A 125 -2.49 -4.15 12.77
CA TYR A 125 -2.62 -4.11 11.31
C TYR A 125 -1.37 -4.69 10.66
N VAL A 126 -0.27 -4.62 11.35
CA VAL A 126 0.98 -5.22 10.88
C VAL A 126 0.71 -6.73 10.67
N GLN A 127 -0.03 -7.34 11.60
CA GLN A 127 -0.32 -8.82 11.60
C GLN A 127 -1.34 -9.04 10.56
N GLN A 128 -2.33 -8.19 10.58
CA GLN A 128 -3.41 -8.41 9.70
C GLN A 128 -2.97 -8.22 8.23
N PHE A 129 -1.99 -7.35 7.93
CA PHE A 129 -1.47 -7.19 6.54
C PHE A 129 -0.54 -8.32 6.17
N GLY A 130 -0.12 -9.15 7.14
CA GLY A 130 0.82 -10.23 6.83
C GLY A 130 2.29 -9.89 6.69
N LEU A 131 2.77 -8.94 7.50
CA LEU A 131 4.13 -8.43 7.40
C LEU A 131 5.03 -9.06 8.39
N LYS A 132 6.29 -9.23 8.04
CA LYS A 132 7.15 -10.10 8.77
C LYS A 132 8.33 -9.30 9.24
N ASN A 133 8.44 -8.07 8.76
CA ASN A 133 9.61 -7.29 9.03
C ASN A 133 9.31 -5.86 9.48
N THR A 134 8.13 -5.68 10.05
CA THR A 134 7.75 -4.44 10.61
C THR A 134 7.38 -4.48 12.08
N ASN A 135 7.85 -3.50 12.88
CA ASN A 135 7.30 -3.35 14.24
C ASN A 135 7.31 -1.88 14.68
N PHE A 136 6.18 -1.38 15.15
CA PHE A 136 6.10 0.01 15.55
C PHE A 136 6.15 0.15 17.07
N THR A 137 6.80 1.19 17.53
CA THR A 137 6.79 1.55 18.95
C THR A 137 6.21 2.95 19.20
N THR A 138 5.82 3.72 18.15
CA THR A 138 5.44 5.12 18.26
C THR A 138 4.46 5.39 17.18
N PRO A 139 3.68 6.47 17.32
CA PRO A 139 2.83 6.82 16.18
C PRO A 139 3.54 7.77 15.16
N HIS A 140 4.78 8.19 15.45
CA HIS A 140 5.44 9.17 14.59
C HIS A 140 6.70 8.70 13.92
N GLY A 141 7.41 7.71 14.46
CA GLY A 141 8.56 7.14 13.77
C GLY A 141 9.92 7.59 14.28
N LEU A 142 9.95 8.24 15.45
CA LEU A 142 11.18 8.66 16.06
C LEU A 142 12.00 7.42 16.23
N ASP A 143 13.29 7.50 15.94
CA ASP A 143 14.07 6.30 15.78
C ASP A 143 14.14 5.52 17.07
N ASP A 144 14.22 4.22 16.96
CA ASP A 144 14.23 3.34 18.13
C ASP A 144 14.67 1.96 17.60
N PRO A 145 15.70 1.33 18.21
CA PRO A 145 16.05 0.10 17.45
C PRO A 145 14.99 -1.02 17.45
N ASN A 146 13.92 -0.88 18.20
CA ASN A 146 12.86 -1.88 18.24
C ASN A 146 11.77 -1.54 17.23
N GLN A 147 12.00 -0.45 16.52
CA GLN A 147 11.02 0.03 15.56
C GLN A 147 11.63 0.05 14.15
N TYR A 148 11.02 -0.73 13.24
CA TYR A 148 11.67 -1.06 11.95
C TYR A 148 10.58 -1.42 10.96
N SER A 149 10.96 -1.37 9.69
CA SER A 149 10.06 -1.83 8.66
C SER A 149 10.99 -2.26 7.56
N SER A 150 10.41 -2.45 6.39
CA SER A 150 11.23 -2.78 5.21
C SER A 150 10.53 -2.21 3.95
N ALA A 151 11.27 -2.19 2.83
CA ALA A 151 10.78 -1.64 1.60
C ALA A 151 9.54 -2.35 1.18
N ARG A 152 9.55 -3.68 1.26
CA ARG A 152 8.37 -4.47 0.81
C ARG A 152 7.19 -4.26 1.75
N ASP A 153 7.44 -4.23 3.05
CA ASP A 153 6.34 -4.02 4.06
C ASP A 153 5.73 -2.64 3.87
N MET A 154 6.61 -1.68 3.60
CA MET A 154 6.05 -0.29 3.31
C MET A 154 5.31 -0.24 1.98
N ALA A 155 5.75 -1.03 0.99
CA ALA A 155 4.92 -1.09 -0.24
C ALA A 155 3.57 -1.68 0.08
N ILE A 156 3.59 -2.73 0.91
CA ILE A 156 2.29 -3.41 1.24
C ILE A 156 1.39 -2.46 2.00
N ILE A 157 1.99 -1.70 2.92
CA ILE A 157 1.18 -0.71 3.74
C ILE A 157 0.62 0.34 2.84
N GLY A 158 1.43 0.82 1.91
CA GLY A 158 0.89 1.96 1.05
C GLY A 158 -0.20 1.36 0.15
N ALA A 159 -0.06 0.11 -0.29
CA ALA A 159 -1.20 -0.42 -1.16
C ALA A 159 -2.52 -0.49 -0.42
N HIS A 160 -2.42 -0.82 0.88
CA HIS A 160 -3.65 -0.92 1.72
C HIS A 160 -4.27 0.42 1.93
N ILE A 161 -3.45 1.45 2.16
CA ILE A 161 -4.05 2.79 2.15
C ILE A 161 -4.75 3.12 0.84
N ILE A 162 -4.05 2.93 -0.27
CA ILE A 162 -4.67 3.25 -1.54
C ILE A 162 -5.93 2.40 -1.75
N ARG A 163 -5.79 1.12 -1.46
CA ARG A 163 -6.93 0.17 -1.70
C ARG A 163 -8.08 0.33 -0.64
N ASP A 164 -7.75 0.33 0.65
CA ASP A 164 -8.84 0.38 1.75
C ASP A 164 -9.40 1.77 2.06
N LEU A 165 -8.65 2.82 1.73
CA LEU A 165 -8.92 4.20 2.16
C LEU A 165 -8.82 5.23 1.01
N PRO A 166 -9.55 5.00 -0.10
CA PRO A 166 -9.44 5.87 -1.28
C PRO A 166 -9.73 7.33 -0.96
N GLU A 167 -10.63 7.59 -0.04
CA GLU A 167 -10.96 8.96 0.23
C GLU A 167 -9.78 9.58 1.00
N GLU A 168 -9.25 8.88 1.98
CA GLU A 168 -8.12 9.40 2.71
C GLU A 168 -6.90 9.58 1.76
N TYR A 169 -6.66 8.63 0.83
CA TYR A 169 -5.45 8.65 0.01
C TYR A 169 -5.32 9.96 -0.84
N LYS A 170 -6.46 10.56 -1.18
CA LYS A 170 -6.51 11.78 -1.92
C LYS A 170 -5.76 12.90 -1.19
N ILE A 171 -5.69 12.80 0.13
CA ILE A 171 -5.11 13.85 0.90
C ILE A 171 -3.60 13.86 0.67
N TYR A 172 -3.06 12.70 0.38
CA TYR A 172 -1.64 12.52 0.13
C TYR A 172 -1.07 13.26 -1.11
N SER A 173 -1.91 13.76 -2.00
CA SER A 173 -1.38 14.59 -3.06
C SER A 173 -1.64 16.12 -2.79
N GLU A 174 -2.07 16.49 -1.58
CA GLU A 174 -2.24 17.91 -1.29
C GLU A 174 -0.81 18.45 -1.17
N LYS A 175 -0.53 19.58 -1.82
CA LYS A 175 0.86 20.12 -1.97
C LYS A 175 1.37 20.93 -0.77
N ASP A 176 0.44 21.46 0.02
CA ASP A 176 0.77 22.22 1.25
C ASP A 176 -0.39 22.19 2.24
N PHE A 177 -0.19 22.73 3.44
CA PHE A 177 -1.32 22.74 4.41
C PHE A 177 -1.06 23.92 5.29
N THR A 178 -2.10 24.68 5.53
CA THR A 178 -1.93 25.83 6.39
C THR A 178 -2.66 25.59 7.74
N PHE A 179 -2.02 25.86 8.86
CA PHE A 179 -2.73 25.73 10.12
C PHE A 179 -2.09 26.64 11.13
N ASN A 180 -2.89 27.16 12.05
CA ASN A 180 -2.33 28.07 13.03
C ASN A 180 -1.45 29.11 12.32
N LYS A 181 -1.94 29.63 11.19
CA LYS A 181 -1.16 30.63 10.41
C LYS A 181 0.19 30.21 9.85
N ILE A 182 0.61 28.95 9.96
CA ILE A 182 1.82 28.47 9.38
C ILE A 182 1.42 27.59 8.14
N LYS A 183 2.06 27.88 7.00
CA LYS A 183 1.86 27.18 5.77
C LYS A 183 3.05 26.28 5.55
N GLN A 184 2.86 24.97 5.43
CA GLN A 184 4.04 24.17 5.14
C GLN A 184 3.73 23.26 3.92
N PRO A 185 4.78 22.89 3.20
CA PRO A 185 4.57 22.11 1.94
C PRO A 185 4.56 20.60 2.21
N ASN A 186 3.79 19.83 1.45
CA ASN A 186 4.14 18.41 1.24
C ASN A 186 5.61 18.21 0.83
N ARG A 187 6.37 17.35 1.48
CA ARG A 187 7.77 17.21 1.10
C ARG A 187 8.00 16.26 -0.10
N ASN A 188 6.95 15.63 -0.64
CA ASN A 188 7.18 14.72 -1.79
C ASN A 188 7.27 15.61 -3.06
N GLY A 189 8.49 16.01 -3.44
CA GLY A 189 8.67 16.91 -4.61
C GLY A 189 7.99 16.36 -5.89
N LEU A 190 7.85 15.04 -5.97
CA LEU A 190 7.31 14.42 -7.22
C LEU A 190 5.89 14.86 -7.51
N LEU A 191 5.23 15.45 -6.55
CA LEU A 191 3.88 15.90 -6.80
C LEU A 191 3.89 17.14 -7.72
N TRP A 192 5.04 17.79 -7.82
CA TRP A 192 5.10 18.96 -8.69
C TRP A 192 5.55 18.51 -10.11
N ASP A 193 5.90 17.24 -10.30
CA ASP A 193 6.49 16.83 -11.56
C ASP A 193 5.43 16.54 -12.59
N LYS A 194 5.18 17.52 -13.47
CA LYS A 194 4.14 17.39 -14.53
C LYS A 194 4.41 16.22 -15.55
N THR A 195 5.62 15.73 -15.61
CA THR A 195 5.87 14.69 -16.61
C THR A 195 5.56 13.24 -16.12
N ILE A 196 5.00 13.07 -14.93
CA ILE A 196 4.70 11.72 -14.37
C ILE A 196 3.51 11.99 -13.48
N ASN A 197 2.60 11.05 -13.28
CA ASN A 197 1.42 11.32 -12.43
C ASN A 197 1.60 10.73 -11.01
N VAL A 198 2.46 11.33 -10.20
CA VAL A 198 2.68 10.89 -8.83
C VAL A 198 1.62 11.47 -7.95
N ASP A 199 0.96 10.64 -7.16
CA ASP A 199 -0.09 11.15 -6.28
C ASP A 199 0.02 10.69 -4.83
N GLY A 200 1.22 10.17 -4.48
CA GLY A 200 1.60 9.80 -3.12
C GLY A 200 3.07 9.48 -3.08
N MET A 201 3.64 9.16 -1.93
CA MET A 201 2.87 8.94 -0.69
C MET A 201 3.49 9.61 0.55
N LYS A 202 4.74 9.31 0.87
CA LYS A 202 5.22 9.78 2.14
C LYS A 202 6.73 9.77 2.17
N THR A 203 7.32 10.77 2.83
CA THR A 203 8.78 10.90 2.89
C THR A 203 9.29 10.70 4.30
N GLY A 204 10.59 10.47 4.44
CA GLY A 204 11.16 10.33 5.77
C GLY A 204 12.66 10.41 5.66
N HIS A 205 13.33 10.48 6.82
CA HIS A 205 14.79 10.49 6.88
C HIS A 205 15.20 10.00 8.25
N THR A 206 16.31 9.26 8.33
CA THR A 206 16.83 8.87 9.61
C THR A 206 18.33 8.93 9.52
N SER A 207 19.00 9.44 10.56
CA SER A 207 20.45 9.36 10.60
C SER A 207 21.01 7.95 10.57
N GLN A 208 20.19 6.90 10.78
CA GLN A 208 20.76 5.51 10.68
C GLN A 208 21.07 5.12 9.24
N ALA A 209 20.46 5.79 8.24
CA ALA A 209 20.62 5.22 6.88
C ALA A 209 20.61 6.22 5.74
N GLY A 210 19.97 7.39 5.95
CA GLY A 210 19.64 8.31 4.88
C GLY A 210 18.16 8.69 4.81
N TYR A 211 17.73 8.96 3.56
CA TYR A 211 16.42 9.48 3.20
C TYR A 211 15.53 8.41 2.53
N ASN A 212 14.22 8.49 2.74
CA ASN A 212 13.40 7.46 2.19
C ASN A 212 12.13 8.04 1.63
N LEU A 213 11.47 7.30 0.75
CA LEU A 213 10.26 7.87 0.17
C LEU A 213 9.42 6.73 -0.32
N VAL A 214 8.11 6.82 -0.19
CA VAL A 214 7.20 5.89 -0.75
C VAL A 214 6.41 6.64 -1.81
N ALA A 215 6.47 6.25 -3.06
CA ALA A 215 5.76 7.01 -4.08
C ALA A 215 4.83 6.08 -4.83
N SER A 216 3.75 6.62 -5.35
CA SER A 216 2.94 5.85 -6.20
C SER A 216 2.50 6.76 -7.33
N ALA A 217 2.39 6.20 -8.54
CA ALA A 217 2.07 6.94 -9.80
C ALA A 217 1.20 6.06 -10.69
N THR A 218 0.36 6.70 -11.50
CA THR A 218 -0.52 6.01 -12.41
C THR A 218 -0.30 6.43 -13.87
N THR A 219 -0.87 5.60 -14.74
CA THR A 219 -0.91 5.90 -16.13
C THR A 219 -2.34 6.04 -16.63
N SER A 220 -2.49 6.73 -17.76
CA SER A 220 -3.82 6.95 -18.36
C SER A 220 -4.59 5.65 -18.50
N ASN A 221 -3.89 4.54 -18.60
CA ASN A 221 -4.57 3.26 -18.67
C ASN A 221 -4.73 2.64 -17.24
N ASN A 222 -4.48 3.46 -16.25
CA ASN A 222 -4.74 2.99 -14.91
C ASN A 222 -3.75 2.03 -14.35
N MET A 223 -2.70 1.74 -15.08
CA MET A 223 -1.60 1.03 -14.47
C MET A 223 -1.17 1.86 -13.21
N ARG A 224 -0.99 1.18 -12.07
CA ARG A 224 -0.52 1.87 -10.86
C ARG A 224 0.69 1.19 -10.30
N LEU A 225 1.74 1.95 -10.08
CA LEU A 225 2.92 1.42 -9.40
C LEU A 225 3.20 2.10 -8.05
N ILE A 226 3.97 1.41 -7.21
CA ILE A 226 4.33 1.95 -5.96
C ILE A 226 5.78 1.68 -5.86
N SER A 227 6.59 2.70 -5.54
CA SER A 227 8.01 2.46 -5.28
C SER A 227 8.36 2.78 -3.85
N VAL A 228 9.45 2.20 -3.34
CA VAL A 228 9.94 2.51 -2.05
C VAL A 228 11.46 2.52 -2.16
N VAL A 229 12.10 3.59 -1.70
CA VAL A 229 13.54 3.61 -1.58
C VAL A 229 13.93 3.98 -0.14
N MET A 230 14.97 3.34 0.38
CA MET A 230 15.36 3.59 1.71
C MET A 230 16.84 3.78 1.72
N GLY A 231 17.33 4.58 2.67
CA GLY A 231 18.76 4.81 2.82
C GLY A 231 19.35 5.47 1.59
N VAL A 232 18.67 6.49 1.02
CA VAL A 232 19.22 7.30 -0.06
C VAL A 232 20.06 8.46 0.54
N PRO A 233 21.28 8.74 -0.03
CA PRO A 233 22.14 9.77 0.61
C PRO A 233 21.56 11.19 0.62
N THR A 234 20.71 11.58 -0.32
CA THR A 234 20.34 12.99 -0.40
C THR A 234 18.85 13.10 -0.58
N TYR A 235 18.28 14.18 -0.10
CA TYR A 235 16.82 14.30 -0.19
C TYR A 235 16.30 14.65 -1.57
N LYS A 236 17.13 15.29 -2.38
CA LYS A 236 16.81 15.35 -3.80
C LYS A 236 17.02 14.01 -4.48
N GLY A 237 18.09 13.30 -4.12
CA GLY A 237 18.35 11.96 -4.73
C GLY A 237 17.17 10.98 -4.62
N ARG A 238 16.37 11.13 -3.56
CA ARG A 238 15.33 10.14 -3.32
C ARG A 238 14.21 10.31 -4.34
N GLU A 239 13.89 11.56 -4.68
CA GLU A 239 12.91 11.73 -5.74
C GLU A 239 13.41 11.30 -7.12
N VAL A 240 14.70 11.54 -7.39
CA VAL A 240 15.31 11.10 -8.63
C VAL A 240 15.28 9.53 -8.79
N GLU A 241 15.82 8.80 -7.81
CA GLU A 241 15.81 7.35 -7.83
C GLU A 241 14.38 6.79 -7.90
N SER A 242 13.42 7.48 -7.28
CA SER A 242 12.08 6.97 -7.30
C SER A 242 11.55 7.10 -8.70
N LYS A 243 11.67 8.31 -9.25
CA LYS A 243 11.23 8.57 -10.63
C LYS A 243 11.92 7.59 -11.60
N LYS A 244 13.17 7.26 -11.36
CA LYS A 244 13.84 6.27 -12.16
C LYS A 244 13.12 4.88 -12.11
N LEU A 245 12.77 4.43 -10.91
CA LEU A 245 12.04 3.17 -10.76
C LEU A 245 10.70 3.24 -11.46
N LEU A 246 9.97 4.32 -11.24
CA LEU A 246 8.63 4.38 -11.76
C LEU A 246 8.67 4.34 -13.34
N GLN A 247 9.49 5.21 -13.95
CA GLN A 247 9.61 5.31 -15.42
C GLN A 247 10.13 4.03 -16.05
N TRP A 248 11.09 3.37 -15.44
CA TRP A 248 11.48 2.07 -15.90
C TRP A 248 10.30 1.13 -15.85
N GLY A 249 9.52 1.26 -14.79
CA GLY A 249 8.34 0.41 -14.65
C GLY A 249 7.34 0.68 -15.75
N PHE A 250 6.86 1.91 -15.88
CA PHE A 250 5.90 2.23 -16.93
C PHE A 250 6.47 2.04 -18.36
N ALA A 251 7.79 2.14 -18.53
CA ALA A 251 8.43 1.96 -19.84
C ALA A 251 8.38 0.50 -20.25
N ASN A 252 8.64 -0.39 -19.29
CA ASN A 252 8.93 -1.76 -19.59
C ASN A 252 7.86 -2.83 -19.28
N PHE A 253 6.72 -2.49 -18.70
CA PHE A 253 5.90 -3.57 -18.23
C PHE A 253 4.51 -3.07 -18.38
N GLU A 254 3.55 -3.97 -18.31
CA GLU A 254 2.17 -3.57 -18.40
C GLU A 254 1.44 -4.56 -17.53
N THR A 255 0.18 -4.22 -17.24
CA THR A 255 -0.60 -4.98 -16.31
C THR A 255 -1.98 -5.17 -16.90
N PHE A 256 -2.50 -6.37 -16.87
CA PHE A 256 -3.84 -6.52 -17.36
C PHE A 256 -4.64 -7.54 -16.53
N LYS A 257 -5.94 -7.34 -16.60
CA LYS A 257 -6.87 -8.14 -15.86
C LYS A 257 -7.05 -9.47 -16.59
N THR A 258 -6.70 -10.59 -15.96
CA THR A 258 -7.00 -11.88 -16.57
C THR A 258 -8.29 -12.51 -16.09
N LEU A 259 -8.79 -12.10 -14.92
CA LEU A 259 -10.10 -12.59 -14.45
C LEU A 259 -10.96 -11.48 -13.86
N GLU A 260 -12.24 -11.55 -14.17
CA GLU A 260 -13.23 -10.66 -13.64
C GLU A 260 -14.16 -11.38 -12.64
N ALA A 261 -14.29 -10.79 -11.44
CA ALA A 261 -15.09 -11.29 -10.31
C ALA A 261 -16.45 -11.76 -10.75
N GLY A 262 -16.82 -12.99 -10.41
CA GLY A 262 -18.19 -13.42 -10.66
C GLY A 262 -18.44 -13.93 -12.06
N LYS A 263 -17.52 -13.67 -13.00
CA LYS A 263 -17.72 -14.09 -14.37
C LYS A 263 -17.47 -15.63 -14.63
N GLU A 264 -18.36 -16.25 -15.37
CA GLU A 264 -18.21 -17.66 -15.72
C GLU A 264 -17.37 -17.73 -16.93
N ILE A 265 -16.19 -18.32 -16.83
CA ILE A 265 -15.33 -18.39 -17.97
C ILE A 265 -15.33 -19.78 -18.65
N SER A 266 -15.95 -20.77 -18.06
CA SER A 266 -15.77 -22.11 -18.58
C SER A 266 -16.90 -22.99 -18.08
N GLU A 267 -17.14 -24.09 -18.79
CA GLU A 267 -18.10 -25.11 -18.31
C GLU A 267 -17.37 -26.44 -18.24
N GLN A 268 -17.57 -27.16 -17.14
CA GLN A 268 -16.84 -28.39 -16.95
C GLN A 268 -17.81 -29.52 -16.57
N ARG A 269 -17.54 -30.73 -17.10
CA ARG A 269 -18.43 -31.86 -16.89
C ARG A 269 -18.33 -32.23 -15.41
N VAL A 270 -19.42 -32.66 -14.79
CA VAL A 270 -19.40 -33.15 -13.40
C VAL A 270 -19.98 -34.61 -13.31
N TYR A 271 -19.37 -35.47 -12.50
CA TYR A 271 -19.83 -36.87 -12.40
C TYR A 271 -20.74 -37.05 -11.21
N TYR A 272 -21.90 -37.66 -11.47
CA TYR A 272 -22.73 -38.13 -10.36
C TYR A 272 -23.38 -37.01 -9.49
N GLY A 273 -23.97 -35.97 -10.09
CA GLY A 273 -24.59 -34.92 -9.27
C GLY A 273 -25.87 -34.42 -9.89
N ASP A 274 -26.45 -33.34 -9.34
CA ASP A 274 -27.73 -32.83 -9.88
C ASP A 274 -27.66 -32.23 -11.27
N LYS A 275 -26.53 -31.69 -11.71
CA LYS A 275 -26.48 -31.39 -13.16
C LYS A 275 -25.29 -32.08 -13.77
N ASN A 276 -25.20 -31.95 -15.09
CA ASN A 276 -24.25 -32.69 -15.88
C ASN A 276 -22.94 -31.89 -16.07
N SER A 277 -23.02 -30.58 -15.84
CA SER A 277 -21.83 -29.74 -15.94
C SER A 277 -21.89 -28.63 -14.91
N VAL A 278 -20.80 -27.85 -14.83
CA VAL A 278 -20.71 -26.75 -13.86
C VAL A 278 -19.86 -25.64 -14.49
N LYS A 279 -20.18 -24.40 -14.12
CA LYS A 279 -19.50 -23.22 -14.59
C LYS A 279 -18.32 -22.98 -13.69
N LEU A 280 -17.20 -22.62 -14.28
CA LEU A 280 -15.99 -22.31 -13.55
C LEU A 280 -15.65 -20.83 -13.74
N GLY A 281 -14.89 -20.26 -12.82
CA GLY A 281 -14.43 -18.87 -12.93
C GLY A 281 -13.73 -18.51 -11.66
N ALA A 282 -13.84 -17.21 -11.27
CA ALA A 282 -13.22 -16.62 -10.05
C ALA A 282 -14.19 -15.59 -9.45
N PHE A 283 -14.30 -15.60 -8.12
CA PHE A 283 -15.17 -14.65 -7.46
C PHE A 283 -14.45 -13.30 -7.18
N MET A 284 -13.16 -13.23 -7.53
CA MET A 284 -12.46 -11.93 -7.50
C MET A 284 -11.63 -11.68 -8.75
N ASP A 285 -11.43 -10.38 -9.04
CA ASP A 285 -10.62 -9.91 -10.17
C ASP A 285 -9.23 -10.44 -10.03
N HIS A 286 -8.48 -10.56 -11.12
CA HIS A 286 -7.09 -10.98 -11.03
C HIS A 286 -6.34 -10.23 -12.10
N PHE A 287 -5.04 -9.98 -11.88
CA PHE A 287 -4.27 -9.07 -12.74
C PHE A 287 -2.91 -9.64 -12.84
N ILE A 288 -2.28 -9.50 -13.99
CA ILE A 288 -0.92 -9.96 -14.05
C ILE A 288 -0.06 -8.88 -14.64
N THR A 289 1.22 -8.96 -14.38
CA THR A 289 2.13 -8.00 -14.92
C THR A 289 3.14 -8.72 -15.84
N ILE A 290 3.26 -8.24 -17.07
CA ILE A 290 4.12 -8.88 -18.10
C ILE A 290 4.98 -7.85 -18.83
N PRO A 291 6.02 -8.27 -19.58
CA PRO A 291 6.72 -7.28 -20.39
C PRO A 291 5.73 -6.54 -21.25
N LYS A 292 5.96 -5.25 -21.42
CA LYS A 292 5.10 -4.40 -22.24
C LYS A 292 5.01 -4.98 -23.67
N GLY A 293 3.89 -4.74 -24.34
CA GLY A 293 3.76 -5.29 -25.67
C GLY A 293 3.38 -6.76 -25.80
N LYS A 294 3.50 -7.57 -24.73
CA LYS A 294 3.40 -9.05 -24.77
C LYS A 294 2.03 -9.67 -24.44
N GLN A 295 0.99 -8.85 -24.35
CA GLN A 295 -0.28 -9.39 -23.96
C GLN A 295 -0.84 -10.52 -24.85
N SER A 296 -0.76 -10.29 -26.17
CA SER A 296 -1.12 -11.27 -27.24
C SER A 296 -0.53 -12.61 -27.01
N GLU A 297 0.73 -12.64 -26.62
CA GLU A 297 1.44 -13.90 -26.59
C GLU A 297 1.19 -14.71 -25.30
N VAL A 298 0.46 -14.15 -24.33
CA VAL A 298 0.20 -14.93 -23.10
C VAL A 298 -0.86 -16.01 -23.37
N LYS A 299 -0.63 -17.21 -22.84
CA LYS A 299 -1.56 -18.32 -23.04
C LYS A 299 -2.04 -18.94 -21.71
N ALA A 300 -3.34 -19.03 -21.52
CA ALA A 300 -3.87 -19.53 -20.26
C ALA A 300 -4.23 -21.01 -20.37
N ARG A 301 -4.08 -21.75 -19.29
CA ARG A 301 -4.61 -23.10 -19.29
C ARG A 301 -5.03 -23.51 -17.87
N TYR A 302 -5.70 -24.66 -17.77
CA TYR A 302 -6.19 -25.14 -16.49
C TYR A 302 -5.36 -26.28 -15.93
N GLU A 303 -5.47 -26.50 -14.64
CA GLU A 303 -4.84 -27.62 -13.99
C GLU A 303 -5.85 -27.95 -12.96
N LEU A 304 -6.92 -28.65 -13.37
CA LEU A 304 -7.87 -29.01 -12.39
C LEU A 304 -7.02 -29.75 -11.41
N ALA A 305 -7.40 -29.76 -10.14
CA ALA A 305 -6.67 -30.55 -9.17
C ALA A 305 -6.95 -32.04 -9.44
N ASP A 306 -8.19 -32.41 -9.76
CA ASP A 306 -8.44 -33.78 -10.12
C ASP A 306 -8.80 -33.89 -11.59
N LYS A 307 -8.73 -35.10 -12.12
CA LYS A 307 -8.95 -35.28 -13.54
C LYS A 307 -10.34 -34.84 -13.96
N ASN A 308 -11.35 -35.26 -13.24
CA ASN A 308 -12.69 -34.84 -13.59
C ASN A 308 -13.29 -34.34 -12.31
N LEU A 309 -14.49 -33.78 -12.38
CA LEU A 309 -15.06 -33.24 -11.17
C LEU A 309 -16.16 -34.18 -10.75
N GLN A 310 -16.16 -34.51 -9.48
CA GLN A 310 -17.30 -35.24 -8.91
C GLN A 310 -18.11 -34.47 -7.87
N ALA A 311 -19.43 -34.48 -8.03
CA ALA A 311 -20.37 -33.94 -7.01
C ALA A 311 -20.14 -34.61 -5.66
N PRO A 312 -20.51 -33.96 -4.52
CA PRO A 312 -21.09 -32.62 -4.37
C PRO A 312 -20.06 -31.55 -4.65
N LEU A 313 -20.48 -30.47 -5.28
CA LEU A 313 -19.64 -29.26 -5.45
C LEU A 313 -20.25 -27.98 -4.80
N ALA A 314 -19.45 -27.27 -4.00
CA ALA A 314 -19.89 -26.02 -3.32
C ALA A 314 -19.50 -24.75 -4.10
N LYS A 315 -20.43 -23.81 -4.25
CA LYS A 315 -20.15 -22.52 -4.87
C LYS A 315 -18.96 -21.85 -4.18
N GLY A 316 -18.01 -21.33 -4.95
CA GLY A 316 -16.75 -20.80 -4.41
C GLY A 316 -15.62 -21.79 -4.26
N GLN A 317 -15.93 -23.07 -4.38
CA GLN A 317 -14.92 -24.09 -4.16
C GLN A 317 -13.76 -23.99 -5.15
N VAL A 318 -12.54 -24.07 -4.64
CA VAL A 318 -11.37 -24.09 -5.49
C VAL A 318 -11.06 -25.50 -5.98
N ILE A 319 -11.17 -25.72 -7.28
CA ILE A 319 -10.99 -27.03 -7.85
C ILE A 319 -9.76 -27.03 -8.76
N GLY A 320 -9.00 -25.95 -8.78
CA GLY A 320 -7.83 -25.91 -9.69
C GLY A 320 -7.23 -24.53 -9.87
N LYS A 321 -6.51 -24.34 -10.96
CA LYS A 321 -5.70 -23.16 -11.17
C LYS A 321 -5.76 -22.75 -12.66
N VAL A 322 -5.71 -21.45 -12.93
CA VAL A 322 -5.44 -21.01 -14.29
C VAL A 322 -3.98 -20.70 -14.34
N VAL A 323 -3.28 -21.23 -15.33
CA VAL A 323 -1.85 -20.98 -15.40
C VAL A 323 -1.54 -20.21 -16.65
N TYR A 324 -0.75 -19.13 -16.51
CA TYR A 324 -0.43 -18.19 -17.61
C TYR A 324 1.01 -18.38 -18.11
N ALA A 325 1.17 -18.60 -19.42
CA ALA A 325 2.51 -18.85 -19.92
C ALA A 325 2.78 -17.81 -20.95
N LEU A 326 4.05 -17.44 -21.04
CA LEU A 326 4.56 -16.52 -22.04
C LEU A 326 5.84 -17.19 -22.54
N ASP A 327 5.94 -17.27 -23.86
CA ASP A 327 7.13 -17.80 -24.51
C ASP A 327 7.64 -19.06 -23.83
N GLY A 328 6.72 -19.97 -23.51
CA GLY A 328 7.08 -21.24 -22.90
C GLY A 328 7.37 -21.25 -21.40
N LYS A 329 7.22 -20.14 -20.70
CA LYS A 329 7.37 -20.26 -19.25
C LYS A 329 6.14 -19.78 -18.49
N ASP A 330 5.95 -20.40 -17.34
CA ASP A 330 4.76 -20.15 -16.55
C ASP A 330 4.95 -18.96 -15.66
N ILE A 331 4.27 -17.89 -16.00
CA ILE A 331 4.66 -16.63 -15.44
C ILE A 331 3.81 -16.23 -14.25
N ALA A 332 2.59 -16.76 -14.17
CA ALA A 332 1.57 -16.29 -13.22
C ALA A 332 0.39 -17.26 -13.21
N SER A 333 -0.22 -17.47 -12.04
CA SER A 333 -1.35 -18.38 -11.91
C SER A 333 -2.42 -17.76 -11.00
N ALA A 334 -3.53 -18.44 -10.78
CA ALA A 334 -4.63 -17.93 -9.99
C ALA A 334 -5.67 -19.02 -9.84
N ASN A 335 -6.34 -19.07 -8.70
CA ASN A 335 -7.29 -20.10 -8.45
C ASN A 335 -8.47 -20.09 -9.40
N LEU A 336 -9.04 -21.26 -9.60
CA LEU A 336 -10.24 -21.42 -10.41
C LEU A 336 -11.28 -22.01 -9.50
N GLN A 337 -12.48 -21.47 -9.52
CA GLN A 337 -13.49 -21.93 -8.60
C GLN A 337 -14.75 -22.37 -9.29
N VAL A 338 -15.50 -23.20 -8.58
CA VAL A 338 -16.82 -23.60 -9.00
C VAL A 338 -17.75 -22.38 -8.72
N MET A 339 -18.64 -22.06 -9.64
CA MET A 339 -19.41 -20.82 -9.60
C MET A 339 -20.83 -21.04 -9.09
N ASN A 340 -21.36 -22.25 -9.30
CA ASN A 340 -22.67 -22.62 -8.74
C ASN A 340 -22.59 -23.93 -7.94
N ASP A 341 -23.49 -24.12 -6.97
CA ASP A 341 -23.53 -25.38 -6.17
C ASP A 341 -23.91 -26.56 -7.10
N VAL A 342 -23.29 -27.74 -6.89
CA VAL A 342 -23.73 -29.02 -7.46
C VAL A 342 -23.87 -30.09 -6.35
N GLY A 343 -25.10 -30.47 -6.03
CA GLY A 343 -25.29 -31.40 -4.94
C GLY A 343 -25.32 -32.85 -5.41
N GLU A 344 -25.74 -33.69 -4.47
CA GLU A 344 -26.02 -35.11 -4.67
C GLU A 344 -24.66 -35.73 -4.40
#